data_5O99
#
_entry.id   5O99
#
_cell.length_a   29.740
_cell.length_b   52.910
_cell.length_c   31.660
_cell.angle_alpha   90.00
_cell.angle_beta   90.05
_cell.angle_gamma   90.00
#
_symmetry.space_group_name_H-M   'P 1 21 1'
#
loop_
_entity.id
_entity.type
_entity.pdbx_description
1 polymer 'SH3 and multiple ankyrin repeat domains protein 3'
2 non-polymer 2-[BIS-(2-HYDROXY-ETHYL)-AMINO]-2-HYDROXYMETHYL-PROPANE-1,3-DIOL
3 water water
#
_entity_poly.entity_id   1
_entity_poly.type   'polypeptide(L)'
_entity_poly.pdbx_seq_one_letter_code
;SVPGRKFIAVKAHSPQGEGEIPLHRGEAVKVLSIGEGGFWEGTVKGRTGWFPADCVEEVQ
;
_entity_poly.pdbx_strand_id   B,A
#
loop_
_chem_comp.id
_chem_comp.type
_chem_comp.name
_chem_comp.formula
BTB non-polymer 2-[BIS-(2-HYDROXY-ETHYL)-AMINO]-2-HYDROXYMETHYL-PROPANE-1,3-DIOL 'C8 H19 N O5'
#
# COMPACT_ATOMS: atom_id res chain seq x y z
N SER A 1 -13.84 9.00 22.99
CA SER A 1 -14.44 7.80 22.43
C SER A 1 -15.58 8.16 21.50
N VAL A 2 -15.69 7.41 20.42
CA VAL A 2 -16.73 7.54 19.41
C VAL A 2 -17.19 6.10 19.25
N PRO A 3 -18.50 5.80 19.24
CA PRO A 3 -18.96 4.44 18.95
C PRO A 3 -18.42 4.00 17.61
N GLY A 4 -18.21 2.70 17.45
CA GLY A 4 -17.81 2.13 16.19
C GLY A 4 -16.34 1.76 16.16
N ARG A 5 -15.82 1.62 14.94
CA ARG A 5 -14.51 1.02 14.73
C ARG A 5 -13.62 1.90 13.85
N LYS A 6 -13.77 3.22 13.97
CA LYS A 6 -12.96 4.18 13.21
C LYS A 6 -11.59 4.37 13.84
N PHE A 7 -10.55 4.03 13.08
CA PHE A 7 -9.15 4.28 13.40
C PHE A 7 -8.51 5.08 12.26
N ILE A 8 -7.30 5.55 12.55
CA ILE A 8 -6.46 6.27 11.59
C ILE A 8 -5.08 5.61 11.59
N ALA A 9 -4.49 5.47 10.40
CA ALA A 9 -3.12 5.00 10.32
C ALA A 9 -2.16 6.11 10.74
N VAL A 10 -1.35 5.83 11.78
CA VAL A 10 -0.23 6.69 12.18
C VAL A 10 1.09 6.29 11.53
N LYS A 11 1.20 5.05 11.07
CA LYS A 11 2.35 4.52 10.38
C LYS A 11 1.92 3.87 9.08
N ALA A 12 2.85 3.87 8.15
CA ALA A 12 2.66 3.14 6.89
C ALA A 12 2.91 1.64 7.11
N HIS A 13 2.39 0.84 6.18
CA HIS A 13 2.68 -0.57 6.10
C HIS A 13 2.83 -0.98 4.62
N SER A 14 3.83 -1.82 4.36
CA SER A 14 4.06 -2.44 3.07
C SER A 14 3.82 -3.93 3.22
N PRO A 15 2.92 -4.54 2.43
N PRO A 15 2.91 -4.54 2.44
CA PRO A 15 2.55 -5.94 2.68
CA PRO A 15 2.55 -5.94 2.67
C PRO A 15 3.70 -6.94 2.50
C PRO A 15 3.73 -6.88 2.53
N GLN A 16 3.80 -7.86 3.45
CA GLN A 16 4.88 -8.83 3.48
C GLN A 16 4.37 -10.21 3.85
N GLY A 17 3.19 -10.56 3.37
CA GLY A 17 2.61 -11.85 3.66
C GLY A 17 1.21 -11.91 3.08
N GLU A 18 0.73 -13.14 2.91
CA GLU A 18 -0.56 -13.38 2.31
C GLU A 18 -1.65 -12.63 3.08
N GLY A 19 -2.42 -11.85 2.38
CA GLY A 19 -3.53 -11.24 3.03
C GLY A 19 -3.24 -9.90 3.67
N GLU A 20 -1.99 -9.45 3.67
CA GLU A 20 -1.67 -8.12 4.16
C GLU A 20 -2.07 -7.04 3.17
N ILE A 21 -2.46 -5.88 3.71
CA ILE A 21 -2.79 -4.72 2.90
C ILE A 21 -1.79 -3.61 3.24
N PRO A 22 -1.52 -2.70 2.29
N PRO A 22 -1.51 -2.71 2.29
CA PRO A 22 -0.75 -1.51 2.63
CA PRO A 22 -0.73 -1.51 2.62
C PRO A 22 -1.55 -0.57 3.49
C PRO A 22 -1.54 -0.55 3.47
N LEU A 23 -0.81 0.29 4.20
CA LEU A 23 -1.37 1.42 4.94
C LEU A 23 -0.50 2.65 4.65
N HIS A 24 -1.12 3.78 4.62
CA HIS A 24 -0.45 5.05 4.49
C HIS A 24 -0.94 5.96 5.61
N ARG A 25 -0.02 6.71 6.21
CA ARG A 25 -0.35 7.62 7.30
C ARG A 25 -1.50 8.55 6.91
N GLY A 26 -2.47 8.69 7.83
CA GLY A 26 -3.62 9.54 7.68
C GLY A 26 -4.85 8.85 7.13
N GLU A 27 -4.72 7.67 6.55
CA GLU A 27 -5.87 6.94 6.06
C GLU A 27 -6.83 6.51 7.19
N ALA A 28 -8.12 6.61 6.87
CA ALA A 28 -9.17 5.95 7.66
C ALA A 28 -9.09 4.43 7.55
N VAL A 29 -9.15 3.74 8.71
CA VAL A 29 -9.08 2.28 8.78
C VAL A 29 -10.25 1.83 9.69
N LYS A 30 -11.11 0.93 9.19
CA LYS A 30 -12.13 0.30 10.04
C LYS A 30 -11.58 -1.02 10.56
N VAL A 31 -11.40 -1.12 11.89
CA VAL A 31 -10.83 -2.33 12.49
C VAL A 31 -11.91 -3.37 12.71
N LEU A 32 -11.70 -4.54 12.11
CA LEU A 32 -12.70 -5.63 12.09
C LEU A 32 -12.45 -6.72 13.12
N SER A 33 -11.21 -7.18 13.24
CA SER A 33 -10.88 -8.31 14.08
C SER A 33 -9.38 -8.26 14.37
N ILE A 34 -8.92 -9.14 15.26
CA ILE A 34 -7.51 -9.28 15.58
C ILE A 34 -6.98 -10.65 15.13
N GLY A 35 -5.67 -10.70 14.88
CA GLY A 35 -5.00 -11.89 14.42
C GLY A 35 -3.90 -12.25 15.37
N GLU A 36 -3.04 -13.17 14.99
CA GLU A 36 -1.89 -13.54 15.78
C GLU A 36 -0.74 -12.60 15.47
N GLY A 37 0.19 -12.53 16.39
CA GLY A 37 1.46 -11.91 16.15
C GLY A 37 1.44 -10.42 15.98
N GLY A 38 0.49 -9.75 16.59
CA GLY A 38 0.42 -8.31 16.57
C GLY A 38 -0.29 -7.74 15.35
N PHE A 39 -0.84 -8.57 14.50
CA PHE A 39 -1.57 -8.12 13.34
C PHE A 39 -3.05 -8.00 13.68
N TRP A 40 -3.67 -6.97 13.09
CA TRP A 40 -5.12 -6.75 13.11
C TRP A 40 -5.63 -6.77 11.67
N GLU A 41 -6.94 -6.94 11.54
CA GLU A 41 -7.62 -6.95 10.26
C GLU A 41 -8.47 -5.70 10.19
N GLY A 42 -8.41 -5.01 9.04
CA GLY A 42 -9.23 -3.81 8.86
C GLY A 42 -9.48 -3.54 7.40
N THR A 43 -10.39 -2.58 7.18
CA THR A 43 -10.85 -2.17 5.87
C THR A 43 -10.42 -0.74 5.55
N VAL A 44 -9.80 -0.56 4.37
CA VAL A 44 -9.37 0.72 3.84
C VAL A 44 -9.85 0.79 2.40
N LYS A 45 -10.73 1.74 2.08
CA LYS A 45 -11.13 2.03 0.70
C LYS A 45 -11.46 0.75 -0.06
N GLY A 46 -12.33 -0.05 0.53
CA GLY A 46 -12.87 -1.20 -0.16
C GLY A 46 -11.96 -2.42 -0.27
N ARG A 47 -10.86 -2.42 0.44
CA ARG A 47 -10.02 -3.60 0.61
C ARG A 47 -9.87 -3.92 2.10
N THR A 48 -9.89 -5.21 2.42
CA THR A 48 -9.72 -5.70 3.79
C THR A 48 -8.52 -6.64 3.88
N GLY A 49 -7.72 -6.47 4.93
CA GLY A 49 -6.62 -7.37 5.15
C GLY A 49 -5.88 -7.04 6.42
N TRP A 50 -4.74 -7.66 6.54
CA TRP A 50 -3.92 -7.67 7.76
C TRP A 50 -2.83 -6.58 7.73
N PHE A 51 -2.54 -6.03 8.92
CA PHE A 51 -1.47 -5.06 9.10
C PHE A 51 -1.07 -5.07 10.56
N PRO A 52 0.13 -4.60 10.88
CA PRO A 52 0.52 -4.51 12.28
C PRO A 52 -0.38 -3.53 13.05
N ALA A 53 -0.84 -3.96 14.23
CA ALA A 53 -1.73 -3.13 15.04
C ALA A 53 -1.08 -1.80 15.41
N ASP A 54 0.24 -1.81 15.56
CA ASP A 54 0.94 -0.57 15.93
C ASP A 54 0.87 0.52 14.83
N CYS A 55 0.36 0.18 13.64
CA CYS A 55 0.16 1.17 12.60
C CYS A 55 -1.08 2.07 12.79
N VAL A 56 -2.02 1.73 13.71
CA VAL A 56 -3.29 2.43 13.77
C VAL A 56 -3.59 2.91 15.19
N GLU A 57 -4.39 3.97 15.27
CA GLU A 57 -4.90 4.53 16.49
C GLU A 57 -6.38 4.85 16.37
N GLU A 58 -7.13 4.64 17.46
N GLU A 58 -7.10 4.66 17.46
CA GLU A 58 -8.55 4.94 17.46
CA GLU A 58 -8.53 4.93 17.52
C GLU A 58 -8.81 6.45 17.37
C GLU A 58 -8.81 6.45 17.40
N VAL A 59 -9.82 6.79 16.61
CA VAL A 59 -10.40 8.12 16.66
C VAL A 59 -11.31 8.25 17.88
N SER B 1 10.57 -12.07 -21.70
CA SER B 1 9.60 -12.03 -20.55
C SER B 1 10.25 -12.64 -19.35
N VAL B 2 10.17 -12.06 -18.16
CA VAL B 2 10.73 -12.64 -16.94
C VAL B 2 9.60 -12.97 -15.96
N PRO B 3 9.56 -14.13 -15.37
CA PRO B 3 8.48 -14.48 -14.41
C PRO B 3 8.47 -13.54 -13.22
N GLY B 4 7.26 -13.23 -12.76
CA GLY B 4 7.07 -12.38 -11.60
C GLY B 4 6.48 -11.03 -11.92
N ARG B 5 6.77 -10.04 -11.07
CA ARG B 5 6.21 -8.71 -11.14
C ARG B 5 7.28 -7.63 -11.14
N LYS B 6 8.42 -7.92 -11.75
N LYS B 6 8.42 -7.91 -11.76
CA LYS B 6 9.55 -6.97 -11.81
CA LYS B 6 9.54 -6.98 -11.77
C LYS B 6 9.38 -5.97 -12.95
C LYS B 6 9.39 -5.98 -12.91
N PHE B 7 9.27 -4.71 -12.53
CA PHE B 7 9.21 -3.56 -13.41
C PHE B 7 10.34 -2.59 -13.05
N ILE B 8 10.55 -1.60 -13.92
CA ILE B 8 11.51 -0.53 -13.74
C ILE B 8 10.80 0.77 -14.05
N ALA B 9 11.08 1.82 -13.26
CA ALA B 9 10.55 3.15 -13.56
C ALA B 9 11.30 3.79 -14.74
N VAL B 10 10.57 4.11 -15.80
CA VAL B 10 11.09 4.88 -16.91
C VAL B 10 10.85 6.37 -16.76
N LYS B 11 9.86 6.77 -15.96
CA LYS B 11 9.56 8.14 -15.64
C LYS B 11 9.52 8.30 -14.13
N ALA B 12 9.86 9.50 -13.69
CA ALA B 12 9.71 9.90 -12.30
C ALA B 12 8.24 10.14 -11.95
N HIS B 13 7.96 10.12 -10.65
CA HIS B 13 6.67 10.51 -10.13
C HIS B 13 6.86 11.26 -8.82
N SER B 14 6.09 12.33 -8.66
CA SER B 14 6.07 13.09 -7.42
C SER B 14 4.67 12.93 -6.82
N PRO B 15 4.53 12.43 -5.58
CA PRO B 15 3.18 12.17 -5.03
C PRO B 15 2.32 13.43 -4.90
N GLN B 16 1.08 13.27 -5.31
CA GLN B 16 0.04 14.28 -5.32
C GLN B 16 -1.31 13.64 -4.95
N GLY B 17 -1.35 12.69 -4.03
CA GLY B 17 -2.60 12.10 -3.61
C GLY B 17 -2.33 11.09 -2.53
N GLU B 18 -3.43 10.75 -1.80
CA GLU B 18 -3.28 9.88 -0.66
C GLU B 18 -2.81 8.51 -1.09
N GLY B 19 -1.70 8.11 -0.49
CA GLY B 19 -1.18 6.81 -0.75
C GLY B 19 -0.22 6.72 -1.91
N GLU B 20 0.11 7.85 -2.55
CA GLU B 20 1.04 7.82 -3.68
C GLU B 20 2.45 7.75 -3.13
N ILE B 21 3.30 7.05 -3.87
CA ILE B 21 4.73 7.01 -3.63
C ILE B 21 5.47 7.71 -4.76
N PRO B 22 6.65 8.29 -4.47
CA PRO B 22 7.48 8.80 -5.56
C PRO B 22 8.08 7.64 -6.33
N LEU B 23 8.50 7.95 -7.56
CA LEU B 23 9.33 7.09 -8.39
C LEU B 23 10.49 7.90 -8.95
N HIS B 24 11.62 7.26 -9.16
CA HIS B 24 12.79 7.84 -9.78
C HIS B 24 13.22 6.90 -10.88
N ARG B 25 13.57 7.47 -12.02
CA ARG B 25 13.94 6.66 -13.17
C ARG B 25 15.04 5.68 -12.78
N GLY B 26 14.87 4.43 -13.18
CA GLY B 26 15.80 3.35 -12.98
C GLY B 26 15.47 2.48 -11.78
N GLU B 27 14.64 2.95 -10.86
CA GLU B 27 14.26 2.17 -9.68
C GLU B 27 13.50 0.91 -10.06
N ALA B 28 13.79 -0.17 -9.31
CA ALA B 28 13.01 -1.40 -9.37
C ALA B 28 11.68 -1.16 -8.69
N VAL B 29 10.60 -1.62 -9.36
CA VAL B 29 9.23 -1.53 -8.88
C VAL B 29 8.59 -2.93 -8.98
N LYS B 30 8.02 -3.43 -7.87
CA LYS B 30 7.24 -4.67 -7.87
C LYS B 30 5.77 -4.30 -8.02
N VAL B 31 5.14 -4.66 -9.15
CA VAL B 31 3.74 -4.25 -9.41
C VAL B 31 2.78 -5.25 -8.76
N LEU B 32 1.89 -4.72 -7.91
CA LEU B 32 0.97 -5.53 -7.10
C LEU B 32 -0.45 -5.57 -7.65
N SER B 33 -1.01 -4.41 -8.00
CA SER B 33 -2.42 -4.34 -8.35
C SER B 33 -2.66 -3.09 -9.19
N ILE B 34 -3.89 -2.97 -9.72
CA ILE B 34 -4.27 -1.85 -10.55
C ILE B 34 -5.39 -1.05 -9.89
N GLY B 35 -5.38 0.25 -10.10
CA GLY B 35 -6.38 1.15 -9.59
C GLY B 35 -7.08 1.92 -10.67
N GLU B 36 -7.77 2.97 -10.30
CA GLU B 36 -8.49 3.85 -11.20
C GLU B 36 -7.57 4.97 -11.68
N GLY B 37 -8.05 5.72 -12.67
CA GLY B 37 -7.36 6.90 -13.16
C GLY B 37 -5.97 6.69 -13.74
N GLY B 38 -5.70 5.50 -14.24
CA GLY B 38 -4.39 5.14 -14.77
C GLY B 38 -3.29 4.90 -13.73
N PHE B 39 -3.63 4.73 -12.45
CA PHE B 39 -2.69 4.40 -11.40
C PHE B 39 -2.58 2.87 -11.19
N TRP B 40 -1.37 2.42 -10.90
CA TRP B 40 -1.05 1.09 -10.41
C TRP B 40 -0.44 1.21 -9.00
N GLU B 41 -0.46 0.08 -8.29
CA GLU B 41 0.10 -0.05 -6.95
C GLU B 41 1.34 -0.93 -7.02
N GLY B 42 2.39 -0.50 -6.37
CA GLY B 42 3.61 -1.26 -6.36
C GLY B 42 4.47 -0.93 -5.17
N THR B 43 5.54 -1.73 -5.04
CA THR B 43 6.49 -1.66 -3.93
C THR B 43 7.87 -1.24 -4.43
N VAL B 44 8.45 -0.21 -3.75
CA VAL B 44 9.77 0.26 -3.99
C VAL B 44 10.44 0.34 -2.64
N LYS B 45 11.52 -0.43 -2.45
CA LYS B 45 12.38 -0.32 -1.23
C LYS B 45 11.56 -0.17 0.06
N GLY B 46 10.70 -1.15 0.27
CA GLY B 46 9.95 -1.20 1.51
C GLY B 46 8.75 -0.29 1.68
N ARG B 47 8.38 0.49 0.68
CA ARG B 47 7.15 1.26 0.66
C ARG B 47 6.25 0.83 -0.51
N THR B 48 4.95 0.72 -0.23
CA THR B 48 3.97 0.36 -1.25
C THR B 48 2.99 1.50 -1.41
N GLY B 49 2.68 1.81 -2.66
CA GLY B 49 1.71 2.83 -2.93
C GLY B 49 1.47 3.01 -4.42
N TRP B 50 0.75 4.10 -4.71
CA TRP B 50 0.16 4.38 -6.03
C TRP B 50 1.09 5.27 -6.87
N PHE B 51 1.13 5.00 -8.18
CA PHE B 51 1.84 5.82 -9.13
C PHE B 51 1.19 5.63 -10.48
N PRO B 52 1.38 6.56 -11.43
CA PRO B 52 0.81 6.33 -12.78
C PRO B 52 1.47 5.12 -13.45
N ALA B 53 0.63 4.25 -14.03
CA ALA B 53 1.14 3.09 -14.73
C ALA B 53 2.15 3.43 -15.80
N ASP B 54 1.95 4.57 -16.47
CA ASP B 54 2.85 4.97 -17.57
C ASP B 54 4.24 5.30 -17.07
N CYS B 55 4.47 5.33 -15.78
CA CYS B 55 5.82 5.48 -15.26
C CYS B 55 6.68 4.22 -15.33
N VAL B 56 6.10 3.02 -15.53
CA VAL B 56 6.83 1.77 -15.35
C VAL B 56 6.74 0.91 -16.58
N GLU B 57 7.75 0.05 -16.74
CA GLU B 57 7.87 -0.95 -17.80
C GLU B 57 8.38 -2.28 -17.23
N GLU B 58 7.87 -3.39 -17.78
CA GLU B 58 8.30 -4.70 -17.32
C GLU B 58 9.76 -4.98 -17.74
N VAL B 59 10.51 -5.61 -16.84
CA VAL B 59 11.89 -5.94 -17.08
C VAL B 59 12.02 -7.00 -18.16
N GLN B 60 13.10 -6.92 -18.92
CA GLN B 60 13.46 -7.92 -19.90
C GLN B 60 14.84 -8.41 -19.75
C1 BTB C . -6.93 8.86 -5.02
C1 BTB C . -6.98 8.91 -4.99
O1 BTB C . -8.22 8.30 -5.12
O1 BTB C . -8.26 8.34 -5.18
C2 BTB C . -5.79 7.81 -5.24
C2 BTB C . -5.86 7.88 -5.20
C3 BTB C . -5.93 6.85 -4.04
C3 BTB C . -5.94 6.90 -4.03
O3 BTB C . -5.71 7.43 -2.78
O3 BTB C . -5.92 7.54 -2.78
C4 BTB C . -4.36 8.48 -5.33
C4 BTB C . -4.50 8.65 -5.19
O4 BTB C . -4.27 9.51 -6.30
O4 BTB C . -3.45 8.01 -5.85
N BTB C . -6.03 7.09 -6.53
N BTB C . -6.12 7.13 -6.48
C5 BTB C . -6.04 8.00 -7.72
C5 BTB C . -6.16 8.01 -7.67
C6 BTB C . -7.07 7.60 -8.80
C6 BTB C . -7.10 7.43 -8.74
O6 BTB C . -8.22 6.93 -8.29
O6 BTB C . -8.27 6.93 -8.16
C7 BTB C . -5.20 5.90 -6.76
C7 BTB C . -5.24 5.98 -6.75
C8 BTB C . -6.10 4.71 -7.12
C8 BTB C . -5.92 4.61 -6.77
O8 BTB C . -7.16 4.55 -6.23
O8 BTB C . -7.16 4.52 -7.45
H11 BTB C . -6.84 9.58 -5.65
H11 BTB C . -6.87 9.66 -5.59
H12 BTB C . -6.83 9.23 -4.14
H12 BTB C . -6.93 9.23 -4.07
HO1 BTB C . -8.67 8.72 -5.71
HO1 BTB C . -8.65 8.73 -5.82
H31 BTB C . -6.83 6.47 -4.04
H31 BTB C . -6.77 6.39 -4.10
H32 BTB C . -5.29 6.12 -4.13
H32 BTB C . -5.20 6.27 -4.07
HO3 BTB C . -6.43 7.79 -2.50
HO3 BTB C . -5.43 7.10 -2.24
H41 BTB C . -4.15 8.84 -4.46
H41 BTB C . -4.64 9.52 -5.60
H42 BTB C . -3.71 7.79 -5.54
H42 BTB C . -4.23 8.78 -4.27
HO4 BTB C . -4.66 10.20 -6.00
HO4 BTB C . -3.17 8.52 -6.49
H51 BTB C . -6.23 8.90 -7.46
H51 BTB C . -6.47 8.89 -7.45
H52 BTB C . -5.16 7.98 -8.13
H52 BTB C . -5.27 8.10 -8.04
H61 BTB C . -6.65 7.02 -9.44
H61 BTB C . -6.64 6.71 -9.22
H62 BTB C . -7.37 8.40 -9.25
H62 BTB C . -7.33 8.12 -9.37
HO6 BTB C . -8.43 7.26 -7.54
HO6 BTB C . -8.21 6.07 -8.09
H71 BTB C . -4.61 6.06 -7.51
H71 BTB C . -4.82 6.11 -7.61
H72 BTB C . -4.68 5.68 -5.99
H72 BTB C . -4.54 5.97 -6.07
H81 BTB C . -6.48 4.85 -8.00
H81 BTB C . -5.31 3.98 -7.18
H82 BTB C . -5.57 3.90 -7.12
H82 BTB C . -6.07 4.33 -5.86
HO8 BTB C . -6.85 4.40 -5.45
HO8 BTB C . -7.23 3.75 -7.80
#